data_9F3E
#
_entry.id   9F3E
#
_entity_poly.entity_id   1
_entity_poly.type   'polydeoxyribonucleotide'
_entity_poly.pdbx_seq_one_letter_code
;(DC)(DG)(DC)(DG)(DA)(DA)(DT)(DT)(CFV)(DG)(DC)(DG)
;
_entity_poly.pdbx_strand_id   A,B
#